data_1ZR0
#
_entry.id   1ZR0
#
_cell.length_a   74.107
_cell.length_b   77.013
_cell.length_c   125.424
_cell.angle_alpha   90.00
_cell.angle_beta   90.00
_cell.angle_gamma   90.00
#
_symmetry.space_group_name_H-M   'P 21 21 21'
#
loop_
_entity.id
_entity.type
_entity.pdbx_description
1 polymer 'Cationic trypsin'
2 polymer 'Tissue factor pathway inhibitor 2'
3 non-polymer 'CALCIUM ION'
4 water water
#
loop_
_entity_poly.entity_id
_entity_poly.type
_entity_poly.pdbx_seq_one_letter_code
_entity_poly.pdbx_strand_id
1 'polypeptide(L)'
;IVGGYTCGANTVPYQVSLNSGYHFCGGSLINSQWVVSAAHCYKSGIQVRLGEDNINVVEGNEQFISASKSIVHPSYNSNT
LNNDIMLIKLKSAASLNSRVASISLPTSCASAGTQCLISGWGNTKSSGTSYPDVLKCLKAPILSTSSCKSAYPGQITSNM
FCAGYLEGGKDSCQGDSGGPVVCSGKLQGIVSWGSGCAQKNKPGVYTKVCNYVSWIKQTIASN
;
A,C
2 'polypeptide(L)' PTGNNAEICLLPLDYGPCRALLLRYYYDRYTQSCRQFLYGGCEGNANNFYTWEACDDACWRIE B,D
#
loop_
_chem_comp.id
_chem_comp.type
_chem_comp.name
_chem_comp.formula
CA non-polymer 'CALCIUM ION' 'Ca 2'
#
# COMPACT_ATOMS: atom_id res chain seq x y z
N ILE A 1 -26.54 -15.71 14.89
CA ILE A 1 -27.35 -15.98 13.62
C ILE A 1 -28.61 -16.61 14.18
N VAL A 2 -29.75 -16.03 13.84
CA VAL A 2 -31.10 -16.54 14.17
C VAL A 2 -31.67 -17.27 12.97
N GLY A 3 -32.22 -18.46 13.20
CA GLY A 3 -32.87 -19.19 12.14
C GLY A 3 -31.93 -19.88 11.20
N GLY A 4 -30.67 -20.08 11.59
CA GLY A 4 -29.67 -20.67 10.76
C GLY A 4 -29.40 -22.12 11.10
N TYR A 5 -28.22 -22.57 10.82
CA TYR A 5 -27.88 -23.95 11.04
C TYR A 5 -26.42 -24.12 11.39
N THR A 6 -26.10 -25.25 12.04
CA THR A 6 -24.72 -25.52 12.42
C THR A 6 -23.91 -25.74 11.15
N CYS A 7 -22.87 -24.91 10.95
CA CYS A 7 -22.02 -24.90 9.75
C CYS A 7 -21.38 -26.28 9.53
N GLY A 8 -20.86 -26.80 10.63
CA GLY A 8 -19.90 -27.88 10.72
C GLY A 8 -18.47 -27.43 10.80
N ALA A 9 -17.63 -28.14 11.56
CA ALA A 9 -16.25 -27.76 11.79
C ALA A 9 -15.50 -27.41 10.52
N ASN A 10 -15.02 -26.17 10.51
CA ASN A 10 -14.13 -25.61 9.49
C ASN A 10 -14.66 -25.57 8.05
N THR A 11 -15.95 -25.57 7.91
CA THR A 11 -16.61 -25.40 6.63
C THR A 11 -16.65 -23.98 6.14
N VAL A 12 -16.34 -23.06 7.07
CA VAL A 12 -16.21 -21.62 6.72
C VAL A 12 -14.78 -21.19 7.17
N PRO A 13 -13.75 -21.59 6.42
CA PRO A 13 -12.37 -21.45 6.85
C PRO A 13 -11.77 -20.00 6.92
N TYR A 14 -12.52 -19.05 6.39
CA TYR A 14 -12.19 -17.64 6.39
C TYR A 14 -12.83 -16.88 7.56
N GLN A 15 -13.73 -17.51 8.26
CA GLN A 15 -14.38 -16.88 9.45
C GLN A 15 -13.39 -16.73 10.56
N VAL A 16 -13.30 -15.56 11.16
CA VAL A 16 -12.47 -15.45 12.35
C VAL A 16 -13.29 -14.89 13.51
N SER A 17 -12.79 -15.13 14.72
CA SER A 17 -13.32 -14.54 15.95
C SER A 17 -12.37 -13.52 16.46
N LEU A 18 -12.88 -12.34 16.82
CA LEU A 18 -12.08 -11.28 17.42
C LEU A 18 -12.28 -11.32 18.96
N ASN A 19 -11.15 -11.47 19.67
CA ASN A 19 -11.17 -11.72 21.10
C ASN A 19 -10.42 -10.58 21.82
N SER A 20 -11.14 -10.02 22.99
CA SER A 20 -10.49 -9.01 23.85
C SER A 20 -10.65 -9.51 25.31
N GLY A 21 -10.40 -10.80 25.52
CA GLY A 21 -10.83 -11.53 26.69
C GLY A 21 -12.04 -12.39 26.53
N TYR A 22 -12.79 -12.12 25.42
CA TYR A 22 -14.09 -12.70 25.17
C TYR A 22 -14.30 -12.34 23.67
N HIS A 23 -15.16 -13.11 23.03
CA HIS A 23 -15.54 -12.81 21.64
C HIS A 23 -16.51 -11.64 21.57
N PHE A 24 -16.07 -10.60 20.90
CA PHE A 24 -16.83 -9.40 20.72
C PHE A 24 -17.35 -9.17 19.34
N CYS A 25 -16.69 -9.73 18.31
CA CYS A 25 -17.10 -9.50 16.88
C CYS A 25 -16.48 -10.68 16.04
N GLY A 26 -16.96 -10.89 14.83
CA GLY A 26 -16.27 -11.71 13.86
C GLY A 26 -15.44 -10.90 12.86
N GLY A 27 -14.97 -11.59 11.85
CA GLY A 27 -14.09 -11.02 10.86
C GLY A 27 -13.90 -12.06 9.75
N SER A 28 -13.37 -11.58 8.62
CA SER A 28 -13.05 -12.41 7.46
C SER A 28 -11.60 -12.31 7.10
N LEU A 29 -10.94 -13.47 6.89
CA LEU A 29 -9.56 -13.45 6.51
C LEU A 29 -9.47 -13.27 4.97
N ILE A 30 -8.80 -12.23 4.53
CA ILE A 30 -8.68 -11.95 3.09
C ILE A 30 -7.29 -12.27 2.50
N ASN A 31 -6.32 -12.42 3.37
CA ASN A 31 -5.01 -13.06 3.02
C ASN A 31 -4.30 -13.46 4.28
N SER A 32 -3.07 -13.98 4.16
CA SER A 32 -2.40 -14.51 5.32
C SER A 32 -2.18 -13.51 6.48
N GLN A 33 -2.20 -12.23 6.19
CA GLN A 33 -1.88 -11.29 7.16
C GLN A 33 -2.98 -10.26 7.51
N TRP A 34 -4.15 -10.34 6.88
CA TRP A 34 -5.15 -9.26 6.96
C TRP A 34 -6.55 -9.85 7.11
N VAL A 35 -7.31 -9.20 7.99
CA VAL A 35 -8.74 -9.48 8.30
C VAL A 35 -9.60 -8.26 8.09
N VAL A 36 -10.76 -8.46 7.51
CA VAL A 36 -11.73 -7.42 7.29
C VAL A 36 -12.82 -7.59 8.41
N SER A 37 -13.19 -6.50 9.07
CA SER A 37 -14.33 -6.52 10.06
C SER A 37 -15.04 -5.19 9.99
N ALA A 38 -15.88 -4.87 10.96
CA ALA A 38 -16.63 -3.66 11.01
C ALA A 38 -15.89 -2.62 11.84
N ALA A 39 -16.03 -1.37 11.44
CA ALA A 39 -15.47 -0.26 12.20
C ALA A 39 -15.96 -0.11 13.62
N HIS A 40 -17.24 -0.40 13.85
CA HIS A 40 -17.76 -0.35 15.22
C HIS A 40 -17.21 -1.46 16.16
N CYS A 41 -16.51 -2.42 15.59
CA CYS A 41 -15.79 -3.40 16.37
C CYS A 41 -14.40 -2.95 16.79
N TYR A 42 -14.01 -1.71 16.48
CA TYR A 42 -12.61 -1.29 16.77
C TYR A 42 -12.29 -1.43 18.30
N LYS A 43 -11.10 -1.94 18.56
CA LYS A 43 -10.48 -2.14 19.89
C LYS A 43 -9.01 -2.11 19.80
N SER A 44 -8.33 -1.55 20.85
CA SER A 44 -6.86 -1.42 20.75
C SER A 44 -6.11 -2.74 20.99
N GLY A 45 -6.72 -3.64 21.74
CA GLY A 45 -6.14 -4.94 22.07
C GLY A 45 -7.06 -6.04 21.54
N ILE A 46 -6.68 -6.63 20.43
CA ILE A 46 -7.43 -7.71 19.80
C ILE A 46 -6.50 -8.86 19.53
N GLN A 47 -7.01 -10.02 19.82
CA GLN A 47 -6.45 -11.27 19.41
C GLN A 47 -7.35 -11.95 18.44
N VAL A 48 -6.81 -12.17 17.22
CA VAL A 48 -7.58 -12.86 16.18
C VAL A 48 -7.53 -14.38 16.35
N ARG A 49 -8.66 -15.03 16.31
CA ARG A 49 -8.66 -16.43 16.46
C ARG A 49 -9.20 -17.03 15.18
N LEU A 50 -8.31 -17.83 14.56
CA LEU A 50 -8.54 -18.49 13.28
C LEU A 50 -8.65 -20.00 13.52
N GLY A 51 -9.43 -20.58 12.57
CA GLY A 51 -9.64 -22.04 12.54
C GLY A 51 -10.56 -22.48 13.67
N GLU A 52 -11.40 -21.58 14.19
CA GLU A 52 -12.37 -21.92 15.23
C GLU A 52 -13.60 -22.62 14.76
N ASP A 53 -14.12 -23.47 15.64
CA ASP A 53 -15.48 -23.95 15.56
C ASP A 53 -16.21 -23.68 16.86
N ASN A 54 -15.78 -24.38 17.93
CA ASN A 54 -16.30 -24.11 19.28
C ASN A 54 -15.46 -23.03 19.92
N ILE A 55 -15.98 -21.83 20.11
CA ILE A 55 -15.14 -20.73 20.57
C ILE A 55 -15.03 -20.80 22.08
N ASN A 56 -15.70 -21.76 22.70
CA ASN A 56 -15.62 -21.86 24.15
C ASN A 56 -14.65 -22.89 24.67
N VAL A 57 -14.03 -23.68 23.80
CA VAL A 57 -12.99 -24.61 24.23
C VAL A 57 -11.78 -24.51 23.30
N VAL A 58 -10.58 -24.58 23.86
CA VAL A 58 -9.37 -24.66 23.05
C VAL A 58 -9.03 -26.12 22.73
N GLU A 59 -9.17 -26.45 21.44
CA GLU A 59 -8.98 -27.80 20.99
C GLU A 59 -7.46 -28.04 20.85
N GLY A 60 -6.71 -27.02 20.43
CA GLY A 60 -5.24 -27.11 20.34
C GLY A 60 -4.68 -26.82 18.96
N ASN A 61 -5.54 -26.80 17.93
CA ASN A 61 -5.09 -26.53 16.54
C ASN A 61 -5.65 -25.25 15.90
N GLU A 62 -6.27 -24.39 16.72
CA GLU A 62 -6.60 -23.06 16.31
C GLU A 62 -5.31 -22.25 16.13
N GLN A 63 -5.37 -21.14 15.38
CA GLN A 63 -4.30 -20.16 15.48
C GLN A 63 -4.77 -18.87 16.16
N PHE A 64 -4.09 -18.49 17.23
CA PHE A 64 -4.46 -17.31 17.97
C PHE A 64 -3.32 -16.30 17.73
N ILE A 65 -3.58 -15.21 17.02
CA ILE A 65 -2.53 -14.26 16.64
C ILE A 65 -2.92 -12.85 17.01
N SER A 66 -2.02 -12.09 17.64
CA SER A 66 -2.36 -10.71 18.01
C SER A 66 -2.51 -9.85 16.73
N ALA A 67 -3.43 -8.91 16.80
CA ALA A 67 -3.52 -7.89 15.84
C ALA A 67 -2.40 -6.86 16.09
N SER A 68 -1.58 -6.60 15.09
CA SER A 68 -0.62 -5.49 15.22
C SER A 68 -1.16 -4.11 14.85
N LYS A 69 -2.15 -4.05 14.00
CA LYS A 69 -2.71 -2.79 13.60
C LYS A 69 -4.22 -3.02 13.32
N SER A 70 -5.06 -2.05 13.68
CA SER A 70 -6.54 -2.02 13.39
C SER A 70 -6.89 -0.68 12.78
N ILE A 71 -7.17 -0.65 11.49
CA ILE A 71 -7.30 0.61 10.75
C ILE A 71 -8.75 0.78 10.30
N VAL A 72 -9.48 1.65 10.99
CA VAL A 72 -10.88 1.95 10.69
C VAL A 72 -10.92 2.84 9.44
N HIS A 73 -11.93 2.69 8.59
CA HIS A 73 -12.09 3.53 7.39
C HIS A 73 -12.06 5.02 7.86
N PRO A 74 -11.27 5.85 7.17
CA PRO A 74 -11.11 7.23 7.67
C PRO A 74 -12.36 8.05 7.60
N SER A 75 -13.33 7.65 6.78
CA SER A 75 -14.61 8.36 6.69
C SER A 75 -15.79 7.69 7.52
N TYR A 76 -15.44 6.73 8.34
CA TYR A 76 -16.40 6.11 9.26
C TYR A 76 -17.12 7.14 10.13
N ASN A 77 -18.43 7.08 10.09
CA ASN A 77 -19.30 7.94 10.92
C ASN A 77 -20.09 7.05 11.86
N SER A 78 -19.77 7.16 13.13
CA SER A 78 -20.40 6.36 14.20
C SER A 78 -21.85 6.68 14.48
N ASN A 79 -22.38 7.78 13.95
CA ASN A 79 -23.81 8.09 14.11
C ASN A 79 -24.65 7.53 12.94
N THR A 80 -24.14 7.62 11.71
CA THR A 80 -24.87 7.12 10.53
C THR A 80 -24.50 5.69 10.16
N LEU A 81 -23.36 5.24 10.67
CA LEU A 81 -22.73 3.92 10.35
C LEU A 81 -22.26 3.80 8.92
N ASN A 82 -22.14 4.93 8.22
CA ASN A 82 -21.51 4.96 6.90
C ASN A 82 -20.04 4.62 7.00
N ASN A 83 -19.58 3.81 6.03
CA ASN A 83 -18.17 3.37 5.92
C ASN A 83 -17.79 2.54 7.14
N ASP A 84 -18.70 1.61 7.51
CA ASP A 84 -18.48 0.72 8.65
C ASP A 84 -17.61 -0.47 8.25
N ILE A 85 -16.29 -0.23 8.17
CA ILE A 85 -15.29 -1.23 7.73
C ILE A 85 -13.98 -0.88 8.38
N MET A 86 -13.23 -1.91 8.73
CA MET A 86 -11.93 -1.89 9.37
C MET A 86 -11.10 -3.02 8.88
N LEU A 87 -9.80 -2.79 8.73
CA LEU A 87 -8.83 -3.79 8.43
C LEU A 87 -7.93 -4.01 9.63
N ILE A 88 -7.72 -5.28 9.94
CA ILE A 88 -6.85 -5.71 10.99
C ILE A 88 -5.64 -6.43 10.46
N LYS A 89 -4.47 -5.94 10.80
CA LYS A 89 -3.22 -6.65 10.36
C LYS A 89 -2.77 -7.63 11.44
N LEU A 90 -2.48 -8.87 11.04
CA LEU A 90 -1.90 -9.82 11.97
C LEU A 90 -0.40 -9.57 12.28
N LYS A 91 0.00 -9.71 13.55
CA LYS A 91 1.42 -9.63 13.97
C LYS A 91 2.31 -10.52 13.12
N SER A 92 1.81 -11.71 12.82
CA SER A 92 2.51 -12.69 12.02
C SER A 92 1.53 -13.35 11.12
N ALA A 93 2.00 -13.85 9.97
CA ALA A 93 1.11 -14.50 9.01
C ALA A 93 0.51 -15.77 9.53
N ALA A 94 -0.79 -15.93 9.28
CA ALA A 94 -1.44 -17.19 9.56
C ALA A 94 -0.89 -18.28 8.62
N SER A 95 -0.94 -19.53 9.07
CA SER A 95 -0.68 -20.65 8.21
C SER A 95 -1.98 -21.10 7.61
N LEU A 96 -2.04 -20.94 6.30
CA LEU A 96 -3.17 -21.36 5.53
C LEU A 96 -3.06 -22.87 5.34
N ASN A 97 -4.21 -23.53 5.40
CA ASN A 97 -4.39 -24.96 5.35
C ASN A 97 -5.87 -25.14 4.99
N SER A 98 -6.45 -26.33 5.17
CA SER A 98 -7.88 -26.50 4.82
C SER A 98 -8.86 -25.84 5.83
N ARG A 99 -8.38 -25.58 7.04
CA ARG A 99 -9.22 -25.01 8.11
C ARG A 99 -9.07 -23.49 8.26
N VAL A 100 -7.95 -22.98 7.79
CA VAL A 100 -7.71 -21.58 7.75
C VAL A 100 -7.41 -21.24 6.29
N ALA A 101 -8.31 -20.49 5.66
CA ALA A 101 -8.13 -20.06 4.27
C ALA A 101 -8.76 -18.68 4.07
N SER A 102 -8.16 -17.92 3.13
CA SER A 102 -8.62 -16.59 2.82
C SER A 102 -9.84 -16.69 1.92
N ILE A 103 -10.61 -15.59 1.90
CA ILE A 103 -11.75 -15.39 1.02
C ILE A 103 -11.45 -14.23 0.06
N SER A 104 -11.87 -14.40 -1.19
CA SER A 104 -11.60 -13.41 -2.24
C SER A 104 -12.40 -12.18 -2.07
N LEU A 105 -11.82 -11.04 -2.37
CA LEU A 105 -12.59 -9.81 -2.54
C LEU A 105 -13.41 -9.79 -3.85
N PRO A 106 -14.48 -9.02 -3.88
CA PRO A 106 -15.34 -8.94 -5.05
C PRO A 106 -14.66 -8.21 -6.21
N THR A 107 -15.03 -8.60 -7.43
CA THR A 107 -14.47 -8.05 -8.65
C THR A 107 -15.60 -7.37 -9.37
N SER A 108 -17.02 -7.25 -8.87
CA SER A 108 -18.26 -6.61 -9.13
C SER A 108 -19.16 -6.69 -7.93
N CYS A 109 -20.10 -5.77 -7.88
CA CYS A 109 -21.19 -5.78 -6.91
C CYS A 109 -22.20 -6.88 -7.19
N ALA A 110 -22.75 -7.47 -6.14
CA ALA A 110 -23.74 -8.53 -6.26
C ALA A 110 -25.12 -7.96 -6.49
N SER A 111 -25.95 -8.63 -7.26
CA SER A 111 -27.25 -8.03 -7.58
C SER A 111 -28.25 -8.50 -6.54
N ALA A 112 -29.63 -7.66 -6.36
CA ALA A 112 -30.77 -8.26 -5.71
C ALA A 112 -31.07 -9.69 -6.18
N GLY A 113 -31.33 -10.57 -5.20
CA GLY A 113 -31.73 -11.95 -5.40
C GLY A 113 -30.60 -12.92 -5.24
N THR A 114 -29.35 -12.44 -5.33
CA THR A 114 -28.21 -13.34 -5.11
C THR A 114 -28.20 -13.94 -3.70
N GLN A 115 -27.99 -15.23 -3.64
CA GLN A 115 -27.87 -15.97 -2.38
C GLN A 115 -26.52 -15.83 -1.76
N CYS A 116 -26.51 -15.51 -0.46
CA CYS A 116 -25.26 -15.35 0.23
C CYS A 116 -25.22 -16.32 1.41
N LEU A 117 -24.03 -16.56 1.89
CA LEU A 117 -23.86 -17.28 3.16
C LEU A 117 -23.39 -16.30 4.23
N ILE A 118 -24.14 -16.18 5.34
CA ILE A 118 -23.78 -15.29 6.46
C ILE A 118 -23.47 -16.19 7.66
N SER A 119 -22.40 -15.88 8.42
CA SER A 119 -21.94 -16.84 9.42
C SER A 119 -21.52 -16.10 10.69
N GLY A 120 -21.70 -16.74 11.85
CA GLY A 120 -21.06 -16.15 13.02
C GLY A 120 -21.47 -16.88 14.30
N TRP A 121 -20.89 -16.41 15.40
CA TRP A 121 -21.16 -16.92 16.77
C TRP A 121 -22.12 -16.12 17.67
N GLY A 122 -22.93 -15.28 17.06
CA GLY A 122 -23.92 -14.41 17.65
C GLY A 122 -25.12 -15.09 18.25
N ASN A 123 -25.94 -14.30 18.88
CA ASN A 123 -27.26 -14.66 19.42
C ASN A 123 -28.10 -15.44 18.42
N THR A 124 -28.60 -16.60 18.88
CA THR A 124 -29.48 -17.42 18.08
C THR A 124 -30.96 -17.23 18.41
N LYS A 125 -31.32 -16.31 19.30
CA LYS A 125 -32.69 -16.00 19.59
C LYS A 125 -33.11 -14.55 19.19
N SER A 126 -34.32 -14.39 18.68
CA SER A 126 -34.98 -13.09 18.43
C SER A 126 -35.57 -12.42 19.70
N SER A 127 -35.80 -13.20 20.77
CA SER A 127 -36.19 -12.68 22.12
C SER A 127 -35.30 -13.35 23.16
N GLY A 128 -34.67 -12.55 23.98
CA GLY A 128 -33.66 -13.03 24.91
C GLY A 128 -32.43 -13.37 24.14
N THR A 129 -31.60 -14.17 24.76
CA THR A 129 -30.27 -14.39 24.28
C THR A 129 -29.82 -15.78 24.57
N SER A 130 -29.19 -16.31 23.55
CA SER A 130 -28.47 -17.59 23.67
C SER A 130 -27.28 -17.55 22.71
N TYR A 131 -26.09 -17.75 23.21
CA TYR A 131 -24.86 -17.71 22.36
C TYR A 131 -24.36 -19.12 22.15
N PRO A 132 -24.18 -19.55 20.89
CA PRO A 132 -23.80 -20.93 20.59
C PRO A 132 -22.34 -21.29 20.83
N ASP A 133 -22.07 -22.53 21.11
CA ASP A 133 -20.66 -22.95 21.16
C ASP A 133 -20.03 -22.90 19.76
N VAL A 134 -20.72 -23.50 18.78
CA VAL A 134 -20.22 -23.75 17.44
C VAL A 134 -20.75 -22.73 16.40
N LEU A 135 -20.03 -22.61 15.30
CA LEU A 135 -20.32 -21.60 14.25
C LEU A 135 -21.62 -21.88 13.58
N LYS A 136 -22.44 -20.86 13.36
CA LYS A 136 -23.74 -20.99 12.76
C LYS A 136 -23.68 -20.27 11.40
N CYS A 137 -24.49 -20.75 10.47
CA CYS A 137 -24.55 -20.32 9.05
C CYS A 137 -26.00 -19.97 8.72
N LEU A 138 -26.21 -19.01 7.80
CA LEU A 138 -27.49 -18.71 7.26
C LEU A 138 -27.33 -18.44 5.74
N LYS A 139 -28.18 -19.09 4.93
CA LYS A 139 -28.35 -18.71 3.52
C LYS A 139 -29.42 -17.63 3.40
N ALA A 140 -29.11 -16.48 2.77
CA ALA A 140 -30.03 -15.39 2.60
C ALA A 140 -29.78 -14.58 1.30
N PRO A 141 -30.82 -14.10 0.66
CA PRO A 141 -30.65 -13.29 -0.56
C PRO A 141 -30.46 -11.83 -0.26
N ILE A 142 -29.65 -11.19 -1.11
CA ILE A 142 -29.63 -9.74 -1.23
C ILE A 142 -31.02 -9.17 -1.57
N LEU A 143 -31.41 -8.13 -0.87
CA LEU A 143 -32.70 -7.47 -1.08
C LEU A 143 -32.51 -6.28 -1.96
N SER A 144 -33.60 -5.85 -2.63
CA SER A 144 -33.48 -4.74 -3.55
C SER A 144 -33.22 -3.45 -2.76
N THR A 145 -32.44 -2.54 -3.34
CA THR A 145 -32.20 -1.21 -2.74
C THR A 145 -33.53 -0.54 -2.34
N SER A 146 -34.54 -0.66 -3.19
CA SER A 146 -35.89 -0.08 -2.86
C SER A 146 -36.46 -0.67 -1.58
N SER A 147 -36.38 -1.99 -1.41
CA SER A 147 -37.02 -2.59 -0.26
C SER A 147 -36.18 -2.27 1.02
N CYS A 148 -34.88 -2.10 0.90
CA CYS A 148 -34.00 -1.73 2.01
C CYS A 148 -34.34 -0.33 2.52
N LYS A 149 -34.41 0.62 1.58
CA LYS A 149 -34.76 1.98 1.93
C LYS A 149 -36.18 2.11 2.50
N SER A 150 -37.10 1.26 2.06
CA SER A 150 -38.47 1.20 2.58
C SER A 150 -38.51 0.76 4.06
N ALA A 151 -37.61 -0.19 4.33
CA ALA A 151 -37.46 -0.77 5.65
C ALA A 151 -36.84 0.23 6.59
N TYR A 152 -35.85 0.95 6.11
CA TYR A 152 -35.11 1.87 6.92
C TYR A 152 -34.98 3.29 6.31
N PRO A 153 -36.09 4.00 6.27
CA PRO A 153 -36.12 5.29 5.55
C PRO A 153 -35.16 6.23 6.19
N GLY A 154 -34.36 6.85 5.33
CA GLY A 154 -33.43 7.86 5.80
C GLY A 154 -32.12 7.33 6.41
N GLN A 155 -31.92 6.01 6.38
CA GLN A 155 -30.75 5.35 7.02
C GLN A 155 -29.80 4.60 6.13
N ILE A 156 -30.20 4.25 4.91
CA ILE A 156 -29.39 3.44 4.07
C ILE A 156 -28.57 4.35 3.18
N THR A 157 -27.29 4.22 3.27
CA THR A 157 -26.44 4.95 2.35
C THR A 157 -26.09 4.08 1.18
N SER A 158 -25.37 4.69 0.22
CA SER A 158 -24.78 4.01 -0.90
C SER A 158 -23.79 2.88 -0.52
N ASN A 159 -23.33 2.82 0.69
CA ASN A 159 -22.26 1.88 1.05
C ASN A 159 -22.91 0.74 1.92
N MET A 160 -24.23 0.60 1.82
CA MET A 160 -25.01 -0.39 2.64
C MET A 160 -25.89 -1.19 1.76
N PHE A 161 -26.09 -2.44 2.10
CA PHE A 161 -27.13 -3.20 1.56
C PHE A 161 -27.87 -4.06 2.58
N CYS A 162 -29.07 -4.50 2.17
CA CYS A 162 -29.88 -5.39 2.99
C CYS A 162 -29.87 -6.79 2.43
N ALA A 163 -29.89 -7.75 3.36
CA ALA A 163 -30.07 -9.16 3.00
C ALA A 163 -30.87 -9.90 4.06
N GLY A 164 -31.61 -10.96 3.64
CA GLY A 164 -32.38 -11.75 4.56
C GLY A 164 -33.83 -11.94 4.05
N TYR A 165 -34.78 -11.83 4.99
CA TYR A 165 -36.19 -12.20 4.80
C TYR A 165 -37.09 -11.19 5.53
N LEU A 166 -37.93 -10.50 4.75
CA LEU A 166 -38.84 -9.50 5.24
C LEU A 166 -39.95 -10.08 6.11
N GLU A 167 -40.22 -11.37 5.97
CA GLU A 167 -41.17 -12.06 6.82
C GLU A 167 -40.67 -12.35 8.23
N GLY A 168 -39.37 -12.27 8.46
CA GLY A 168 -38.82 -12.50 9.80
C GLY A 168 -38.36 -13.90 9.96
N GLY A 169 -37.73 -14.21 11.11
CA GLY A 169 -37.24 -15.53 11.45
C GLY A 169 -35.78 -15.94 11.20
N LYS A 170 -35.08 -15.20 10.36
CA LYS A 170 -33.75 -15.58 9.84
C LYS A 170 -32.95 -14.29 9.64
N ASP A 171 -31.92 -14.11 10.44
CA ASP A 171 -31.12 -12.87 10.37
C ASP A 171 -29.82 -13.12 11.07
N SER A 172 -28.83 -12.27 10.81
CA SER A 172 -27.67 -12.19 11.72
C SER A 172 -28.14 -11.40 13.03
N CYS A 173 -27.29 -11.40 14.07
CA CYS A 173 -27.68 -10.85 15.36
C CYS A 173 -26.47 -10.46 16.16
N GLN A 174 -26.67 -9.91 17.33
CA GLN A 174 -25.53 -9.48 18.14
C GLN A 174 -24.53 -10.53 18.48
N GLY A 175 -23.26 -10.22 18.22
CA GLY A 175 -22.20 -11.15 18.23
C GLY A 175 -21.69 -11.55 16.81
N ASP A 176 -22.47 -11.23 15.78
CA ASP A 176 -22.07 -11.51 14.40
C ASP A 176 -21.35 -10.36 13.71
N SER A 177 -21.49 -9.11 14.22
CA SER A 177 -20.84 -7.93 13.61
C SER A 177 -19.47 -8.22 13.09
N GLY A 178 -19.19 -7.75 11.89
CA GLY A 178 -17.82 -7.83 11.35
C GLY A 178 -17.57 -9.09 10.55
N GLY A 179 -18.49 -10.03 10.68
CA GLY A 179 -18.43 -11.24 9.95
C GLY A 179 -18.89 -11.18 8.50
N PRO A 180 -18.67 -12.32 7.82
CA PRO A 180 -18.76 -12.36 6.35
C PRO A 180 -20.14 -12.56 5.81
N VAL A 181 -20.37 -11.94 4.64
CA VAL A 181 -21.54 -12.22 3.82
C VAL A 181 -20.88 -12.59 2.48
N VAL A 182 -20.97 -13.86 2.12
CA VAL A 182 -20.28 -14.44 0.97
C VAL A 182 -21.28 -14.87 -0.13
N CYS A 183 -21.08 -14.36 -1.35
CA CYS A 183 -21.96 -14.69 -2.50
C CYS A 183 -21.05 -15.12 -3.66
N SER A 184 -21.30 -16.31 -4.19
CA SER A 184 -20.42 -16.91 -5.22
C SER A 184 -18.94 -16.93 -4.88
N GLY A 185 -18.60 -17.23 -3.64
CA GLY A 185 -17.24 -17.33 -3.23
C GLY A 185 -16.49 -15.99 -3.19
N LYS A 186 -17.22 -14.89 -3.14
CA LYS A 186 -16.62 -13.58 -2.89
C LYS A 186 -17.22 -13.00 -1.57
N LEU A 187 -16.33 -12.11 -0.93
CA LEU A 187 -16.79 -11.32 0.28
C LEU A 187 -17.50 -10.08 -0.19
N GLN A 188 -18.82 -10.11 -0.18
CA GLN A 188 -19.61 -8.99 -0.60
C GLN A 188 -20.09 -8.12 0.56
N GLY A 189 -20.10 -8.66 1.81
CA GLY A 189 -20.72 -7.89 2.85
C GLY A 189 -20.11 -8.13 4.21
N ILE A 190 -20.31 -7.13 5.07
CA ILE A 190 -19.85 -7.21 6.49
C ILE A 190 -21.08 -7.02 7.37
N VAL A 191 -21.34 -7.95 8.30
CA VAL A 191 -22.41 -7.77 9.34
C VAL A 191 -22.25 -6.41 10.01
N SER A 192 -23.30 -5.61 10.01
CA SER A 192 -23.29 -4.26 10.58
C SER A 192 -24.40 -4.03 11.59
N TRP A 193 -25.66 -3.92 11.16
CA TRP A 193 -26.75 -3.43 12.02
C TRP A 193 -28.11 -3.87 11.56
N GLY A 194 -29.13 -3.72 12.42
CA GLY A 194 -30.51 -3.93 12.02
C GLY A 194 -31.36 -3.45 13.18
N SER A 195 -32.66 -3.34 12.98
CA SER A 195 -33.52 -2.94 14.04
C SER A 195 -34.01 -4.18 14.73
N GLY A 196 -33.36 -4.61 15.97
CA GLY A 196 -33.65 -5.90 16.56
C GLY A 196 -33.02 -6.95 15.66
N CYS A 197 -33.49 -8.19 15.72
CA CYS A 197 -32.99 -9.24 14.82
C CYS A 197 -34.11 -10.19 14.46
N ALA A 198 -34.15 -10.51 13.16
CA ALA A 198 -35.06 -11.47 12.60
C ALA A 198 -36.53 -11.02 12.76
N GLN A 199 -36.76 -9.71 12.88
CA GLN A 199 -38.06 -9.11 12.96
C GLN A 199 -38.69 -8.84 11.61
N LYS A 200 -40.02 -8.83 11.59
CA LYS A 200 -40.74 -8.53 10.36
C LYS A 200 -40.40 -7.15 9.84
N ASN A 201 -40.07 -7.12 8.53
CA ASN A 201 -39.83 -5.91 7.75
C ASN A 201 -38.59 -5.11 8.21
N LYS A 202 -37.68 -5.79 8.92
CA LYS A 202 -36.45 -5.16 9.43
C LYS A 202 -35.27 -6.10 9.20
N PRO A 203 -34.83 -6.17 7.96
CA PRO A 203 -33.81 -7.14 7.58
C PRO A 203 -32.42 -6.68 8.08
N GLY A 204 -31.43 -7.53 8.02
CA GLY A 204 -30.02 -7.18 8.29
C GLY A 204 -29.48 -6.13 7.35
N VAL A 205 -28.68 -5.21 7.87
CA VAL A 205 -27.95 -4.24 7.02
C VAL A 205 -26.45 -4.50 7.06
N TYR A 206 -25.79 -4.47 5.90
CA TYR A 206 -24.46 -4.97 5.71
C TYR A 206 -23.66 -3.92 4.94
N THR A 207 -22.39 -3.80 5.31
CA THR A 207 -21.46 -2.95 4.57
C THR A 207 -21.17 -3.60 3.20
N LYS A 208 -21.14 -2.76 2.16
CA LYS A 208 -21.02 -3.21 0.79
C LYS A 208 -19.54 -3.20 0.42
N VAL A 209 -18.87 -4.33 0.51
CA VAL A 209 -17.43 -4.47 0.44
C VAL A 209 -16.98 -4.05 -0.99
N CYS A 210 -17.83 -4.28 -1.99
CA CYS A 210 -17.37 -4.02 -3.36
C CYS A 210 -16.97 -2.55 -3.52
N ASN A 211 -17.58 -1.67 -2.74
CA ASN A 211 -17.23 -0.24 -2.70
C ASN A 211 -15.88 0.15 -2.12
N TYR A 212 -15.15 -0.76 -1.48
CA TYR A 212 -13.97 -0.46 -0.71
C TYR A 212 -12.72 -1.19 -1.20
N VAL A 213 -12.79 -1.89 -2.37
CA VAL A 213 -11.70 -2.76 -2.81
C VAL A 213 -10.46 -1.87 -3.01
N SER A 214 -10.63 -0.65 -3.52
CA SER A 214 -9.47 0.20 -3.77
C SER A 214 -8.79 0.57 -2.45
N TRP A 215 -9.61 0.97 -1.50
CA TRP A 215 -9.13 1.30 -0.15
C TRP A 215 -8.49 0.09 0.49
N ILE A 216 -9.11 -1.09 0.40
CA ILE A 216 -8.51 -2.26 0.99
C ILE A 216 -7.11 -2.54 0.39
N LYS A 217 -7.02 -2.56 -0.92
CA LYS A 217 -5.76 -2.88 -1.55
C LYS A 217 -4.69 -1.84 -1.19
N GLN A 218 -5.04 -0.57 -1.12
CA GLN A 218 -4.00 0.42 -0.89
C GLN A 218 -3.57 0.42 0.60
N THR A 219 -4.52 0.16 1.52
CA THR A 219 -4.20 -0.02 2.95
C THR A 219 -3.23 -1.17 3.21
N ILE A 220 -3.45 -2.30 2.54
CA ILE A 220 -2.62 -3.44 2.70
C ILE A 220 -1.21 -3.12 2.14
N ALA A 221 -1.20 -2.52 0.95
CA ALA A 221 0.06 -2.13 0.29
C ALA A 221 0.92 -1.21 1.15
N SER A 222 0.26 -0.23 1.77
CA SER A 222 0.92 0.84 2.48
C SER A 222 1.14 0.57 3.98
N ASN A 223 0.75 -0.61 4.45
CA ASN A 223 0.90 -0.93 5.87
C ASN A 223 1.51 -2.30 6.01
N PRO B 1 -34.53 20.33 36.67
CA PRO B 1 -33.10 20.22 37.11
C PRO B 1 -32.13 19.88 35.98
N THR B 2 -30.92 20.43 36.02
CA THR B 2 -29.95 20.22 34.96
C THR B 2 -28.74 19.39 35.53
N GLY B 3 -27.97 18.77 34.64
CA GLY B 3 -26.93 17.82 35.03
C GLY B 3 -27.45 16.72 35.94
N ASN B 4 -28.68 16.29 35.70
CA ASN B 4 -29.43 15.48 36.61
C ASN B 4 -29.03 13.95 36.42
N ASN B 5 -28.31 13.36 37.38
CA ASN B 5 -27.74 11.98 37.30
C ASN B 5 -28.87 10.99 37.02
N ALA B 6 -30.06 11.29 37.55
CA ALA B 6 -31.21 10.36 37.33
C ALA B 6 -31.58 10.32 35.86
N GLU B 7 -31.39 11.40 35.11
CA GLU B 7 -31.73 11.40 33.70
C GLU B 7 -30.91 10.36 32.85
N ILE B 8 -29.77 9.99 33.36
CA ILE B 8 -28.89 8.98 32.75
C ILE B 8 -29.05 7.62 33.44
N CYS B 9 -28.90 7.62 34.76
CA CYS B 9 -28.72 6.42 35.55
C CYS B 9 -30.01 5.54 35.52
N LEU B 10 -31.17 6.17 35.35
CA LEU B 10 -32.45 5.47 35.45
C LEU B 10 -32.96 5.00 34.13
N LEU B 11 -32.17 5.13 33.11
CA LEU B 11 -32.59 4.68 31.77
C LEU B 11 -32.37 3.17 31.66
N PRO B 12 -33.20 2.48 30.89
CA PRO B 12 -33.03 1.03 30.74
C PRO B 12 -31.87 0.82 29.83
N LEU B 13 -31.21 -0.28 30.03
CA LEU B 13 -30.22 -0.74 29.15
C LEU B 13 -30.77 -0.70 27.73
N ASP B 14 -29.89 -0.30 26.79
CA ASP B 14 -30.15 -0.33 25.37
C ASP B 14 -28.95 -0.86 24.60
N TYR B 15 -29.08 -2.07 24.09
CA TYR B 15 -27.99 -2.72 23.31
C TYR B 15 -27.75 -2.00 22.01
N GLY B 16 -28.74 -1.28 21.51
CA GLY B 16 -28.68 -0.57 20.25
C GLY B 16 -28.81 -1.55 19.06
N PRO B 17 -28.72 -1.01 17.84
CA PRO B 17 -28.86 -1.78 16.62
C PRO B 17 -27.62 -2.44 15.98
N CYS B 18 -26.42 -2.09 16.36
CA CYS B 18 -25.26 -2.72 15.84
C CYS B 18 -25.09 -4.07 16.51
N ARG B 19 -24.31 -4.88 15.83
CA ARG B 19 -24.30 -6.31 16.11
C ARG B 19 -23.06 -6.90 16.77
N ALA B 20 -22.39 -6.08 17.57
CA ALA B 20 -21.23 -6.52 18.34
C ALA B 20 -21.67 -6.96 19.73
N LEU B 21 -20.68 -7.46 20.49
CA LEU B 21 -20.89 -7.76 21.92
C LEU B 21 -19.79 -7.11 22.72
N LEU B 22 -19.94 -5.79 22.99
CA LEU B 22 -18.88 -5.05 23.65
C LEU B 22 -19.16 -4.87 25.16
N LEU B 23 -18.24 -5.28 26.05
CA LEU B 23 -18.48 -5.19 27.45
C LEU B 23 -18.52 -3.71 27.92
N ARG B 24 -19.67 -3.35 28.49
CA ARG B 24 -19.93 -2.01 29.04
C ARG B 24 -20.61 -2.17 30.37
N TYR B 25 -20.81 -1.04 31.05
CA TYR B 25 -21.47 -1.02 32.33
C TYR B 25 -22.66 -0.12 32.33
N TYR B 26 -23.67 -0.49 33.12
CA TYR B 26 -24.88 0.33 33.21
C TYR B 26 -25.35 0.37 34.69
N TYR B 27 -26.05 1.44 35.06
CA TYR B 27 -26.69 1.44 36.37
C TYR B 27 -28.02 0.78 36.39
N ASP B 28 -28.16 -0.22 37.26
CA ASP B 28 -29.42 -0.91 37.46
C ASP B 28 -30.15 -0.50 38.69
N ARG B 29 -31.23 0.15 38.48
CA ARG B 29 -31.91 0.90 39.55
C ARG B 29 -32.60 -0.02 40.58
N TYR B 30 -32.89 -1.26 40.15
CA TYR B 30 -33.52 -2.30 40.96
C TYR B 30 -32.58 -3.04 41.85
N THR B 31 -31.27 -3.05 41.52
CA THR B 31 -30.25 -3.51 42.42
C THR B 31 -29.42 -2.42 43.05
N GLN B 32 -29.68 -1.19 42.62
CA GLN B 32 -28.86 -0.03 43.01
C GLN B 32 -27.37 -0.29 42.84
N SER B 33 -26.95 -0.81 41.67
CA SER B 33 -25.58 -1.19 41.45
C SER B 33 -25.21 -1.02 39.96
N CYS B 34 -23.93 -0.82 39.70
CA CYS B 34 -23.35 -0.79 38.32
C CYS B 34 -23.06 -2.24 37.88
N ARG B 35 -23.73 -2.64 36.82
CA ARG B 35 -23.70 -4.04 36.32
C ARG B 35 -23.13 -4.07 34.91
N GLN B 36 -22.60 -5.21 34.46
CA GLN B 36 -22.11 -5.32 33.05
C GLN B 36 -23.22 -5.67 32.07
N PHE B 37 -23.08 -5.21 30.83
CA PHE B 37 -23.87 -5.70 29.77
C PHE B 37 -23.01 -5.78 28.48
N LEU B 38 -23.59 -6.34 27.44
CA LEU B 38 -22.91 -6.40 26.14
C LEU B 38 -23.64 -5.49 25.12
N TYR B 39 -22.95 -4.40 24.79
CA TYR B 39 -23.42 -3.36 23.91
C TYR B 39 -23.13 -3.69 22.49
N GLY B 40 -24.05 -3.35 21.59
CA GLY B 40 -23.94 -3.65 20.18
C GLY B 40 -22.98 -2.76 19.40
N GLY B 41 -22.51 -1.63 19.94
CA GLY B 41 -21.53 -0.84 19.30
C GLY B 41 -21.91 0.51 18.74
N CYS B 42 -23.19 0.81 18.67
CA CYS B 42 -23.66 2.13 18.24
C CYS B 42 -25.00 2.52 18.84
N GLU B 43 -25.26 3.84 18.86
CA GLU B 43 -26.50 4.37 19.36
C GLU B 43 -26.69 3.92 20.82
N GLY B 44 -27.85 3.43 21.17
CA GLY B 44 -28.18 3.19 22.57
C GLY B 44 -28.50 4.47 23.32
N ASN B 45 -28.14 4.47 24.59
CA ASN B 45 -28.36 5.64 25.43
C ASN B 45 -27.23 5.96 26.35
N ALA B 46 -27.43 6.99 27.19
CA ALA B 46 -26.34 7.41 28.10
C ALA B 46 -26.00 6.55 29.29
N ASN B 47 -26.86 5.58 29.60
CA ASN B 47 -26.58 4.64 30.66
C ASN B 47 -25.67 3.50 30.17
N ASN B 48 -24.44 3.87 29.90
CA ASN B 48 -23.51 3.09 29.07
C ASN B 48 -22.11 3.64 29.35
N PHE B 49 -21.33 2.92 30.13
CA PHE B 49 -20.07 3.41 30.62
C PHE B 49 -19.00 2.40 30.27
N TYR B 50 -17.78 2.88 30.15
CA TYR B 50 -16.64 2.00 29.75
C TYR B 50 -16.11 1.11 30.88
N THR B 51 -16.35 1.51 32.12
CA THR B 51 -15.76 0.91 33.31
C THR B 51 -16.72 0.92 34.48
N TRP B 52 -16.57 0.00 35.44
CA TRP B 52 -17.41 0.03 36.62
C TRP B 52 -17.22 1.41 37.38
N GLU B 53 -15.97 1.85 37.44
CA GLU B 53 -15.63 3.13 38.14
C GLU B 53 -16.38 4.32 37.56
N ALA B 54 -16.41 4.43 36.25
CA ALA B 54 -17.10 5.50 35.57
C ALA B 54 -18.57 5.55 35.88
N CYS B 55 -19.21 4.39 35.79
CA CYS B 55 -20.58 4.21 36.23
C CYS B 55 -20.81 4.57 37.70
N ASP B 56 -19.98 4.06 38.58
CA ASP B 56 -20.07 4.28 40.03
C ASP B 56 -19.98 5.81 40.33
N ASP B 57 -19.03 6.46 39.72
CA ASP B 57 -18.88 7.96 39.86
C ASP B 57 -20.04 8.72 39.29
N ALA B 58 -20.49 8.38 38.05
CA ALA B 58 -21.60 9.04 37.43
C ALA B 58 -22.91 8.94 38.16
N CYS B 59 -23.12 7.81 38.82
CA CYS B 59 -24.40 7.46 39.41
C CYS B 59 -24.28 7.42 40.91
N TRP B 60 -23.38 8.24 41.45
CA TRP B 60 -23.07 8.15 42.86
C TRP B 60 -24.26 8.56 43.72
N ARG B 61 -25.06 9.52 43.26
CA ARG B 61 -26.23 10.00 43.97
C ARG B 61 -27.30 10.22 42.96
N ILE B 62 -28.50 9.74 43.23
CA ILE B 62 -29.63 9.84 42.35
C ILE B 62 -30.80 10.48 43.10
N GLU B 63 -31.29 11.58 42.56
CA GLU B 63 -32.47 12.33 43.06
C GLU B 63 -33.54 12.17 42.00
N ILE C 1 22.26 5.99 -3.89
CA ILE C 1 21.82 4.92 -2.95
C ILE C 1 21.43 5.51 -1.59
N VAL C 2 20.12 5.49 -1.30
CA VAL C 2 19.65 5.97 0.01
C VAL C 2 19.37 4.75 0.88
N GLY C 3 19.92 4.74 2.09
CA GLY C 3 19.64 3.66 3.01
C GLY C 3 20.24 2.34 2.56
N GLY C 4 21.25 2.39 1.68
CA GLY C 4 21.95 1.19 1.23
C GLY C 4 23.16 0.90 2.10
N TYR C 5 24.10 0.14 1.56
CA TYR C 5 25.37 -0.16 2.26
C TYR C 5 26.51 -0.13 1.27
N THR C 6 27.74 0.16 1.74
CA THR C 6 28.93 0.09 0.90
C THR C 6 29.17 -1.31 0.32
N CYS C 7 29.21 -1.41 -1.01
CA CYS C 7 29.37 -2.70 -1.74
C CYS C 7 30.67 -3.43 -1.48
N GLY C 8 31.75 -2.69 -1.45
CA GLY C 8 33.07 -3.27 -1.37
C GLY C 8 33.69 -3.11 -2.73
N ALA C 9 35.00 -3.05 -2.79
CA ALA C 9 35.71 -2.66 -4.00
C ALA C 9 35.77 -3.75 -5.11
N ASN C 10 35.48 -3.31 -6.33
CA ASN C 10 35.22 -4.18 -7.51
C ASN C 10 34.31 -5.40 -7.29
N THR C 11 33.39 -5.31 -6.33
CA THR C 11 32.44 -6.39 -5.95
C THR C 11 31.15 -6.36 -6.82
N VAL C 12 31.04 -5.32 -7.64
CA VAL C 12 29.98 -5.17 -8.63
C VAL C 12 30.73 -4.78 -9.92
N PRO C 13 31.35 -5.76 -10.55
CA PRO C 13 32.26 -5.53 -11.70
C PRO C 13 31.67 -5.15 -13.06
N TYR C 14 30.34 -5.18 -13.10
CA TYR C 14 29.56 -4.72 -14.24
C TYR C 14 29.25 -3.23 -14.25
N GLN C 15 29.42 -2.62 -13.11
CA GLN C 15 29.10 -1.23 -12.87
C GLN C 15 30.05 -0.35 -13.64
N VAL C 16 29.47 0.56 -14.40
CA VAL C 16 30.32 1.62 -14.94
C VAL C 16 29.87 2.98 -14.48
N SER C 17 30.83 3.93 -14.53
CA SER C 17 30.52 5.37 -14.42
C SER C 17 30.57 6.01 -15.79
N LEU C 18 29.58 6.85 -16.06
CA LEU C 18 29.60 7.66 -17.25
C LEU C 18 30.09 9.07 -16.92
N ASN C 19 31.08 9.52 -17.68
CA ASN C 19 31.86 10.72 -17.35
C ASN C 19 31.78 11.71 -18.47
N SER C 20 31.35 13.04 -18.19
CA SER C 20 31.40 14.07 -19.18
C SER C 20 32.16 15.29 -18.66
N GLY C 21 33.32 15.01 -18.10
CA GLY C 21 34.03 15.99 -17.25
C GLY C 21 33.82 15.69 -15.83
N TYR C 22 32.80 14.89 -15.46
CA TYR C 22 32.38 14.57 -14.15
C TYR C 22 31.40 13.37 -14.26
N HIS C 23 31.21 12.61 -13.17
CA HIS C 23 30.25 11.47 -13.07
C HIS C 23 28.82 12.03 -13.13
N PHE C 24 28.10 11.68 -14.17
CA PHE C 24 26.71 12.13 -14.32
C PHE C 24 25.68 11.02 -14.16
N CYS C 25 26.08 9.77 -14.30
CA CYS C 25 25.18 8.61 -14.44
C CYS C 25 26.05 7.35 -14.33
N GLY C 26 25.37 6.26 -14.01
CA GLY C 26 25.91 4.90 -14.05
C GLY C 26 25.52 4.16 -15.35
N GLY C 27 25.88 2.89 -15.42
CA GLY C 27 25.58 2.01 -16.53
C GLY C 27 26.03 0.60 -16.20
N SER C 28 25.70 -0.34 -17.10
CA SER C 28 26.01 -1.82 -16.99
C SER C 28 26.66 -2.33 -18.19
N LEU C 29 27.80 -2.99 -17.99
CA LEU C 29 28.50 -3.52 -19.12
C LEU C 29 27.86 -4.92 -19.46
N ILE C 30 27.41 -5.09 -20.70
CA ILE C 30 26.77 -6.33 -21.20
C ILE C 30 27.53 -7.09 -22.30
N ASN C 31 28.54 -6.43 -22.86
CA ASN C 31 29.36 -6.92 -23.97
C ASN C 31 30.76 -6.37 -23.69
N SER C 32 31.80 -7.01 -24.22
CA SER C 32 33.06 -6.31 -24.34
C SER C 32 32.89 -4.89 -24.91
N GLN C 33 31.83 -4.61 -25.68
CA GLN C 33 31.73 -3.39 -26.48
C GLN C 33 30.46 -2.48 -26.31
N TRP C 34 29.60 -2.85 -25.39
CA TRP C 34 28.28 -2.26 -25.27
C TRP C 34 27.92 -2.15 -23.81
N VAL C 35 27.43 -0.95 -23.45
CA VAL C 35 26.90 -0.59 -22.14
C VAL C 35 25.42 -0.21 -22.20
N VAL C 36 24.69 -0.58 -21.21
CA VAL C 36 23.30 -0.21 -21.11
C VAL C 36 23.14 0.84 -20.01
N SER C 37 22.40 1.90 -20.33
CA SER C 37 22.15 2.92 -19.36
C SER C 37 20.73 3.50 -19.63
N ALA C 38 20.38 4.57 -18.96
CA ALA C 38 19.04 5.20 -19.10
C ALA C 38 19.05 6.20 -20.23
N ALA C 39 17.94 6.32 -20.97
CA ALA C 39 17.80 7.36 -22.00
C ALA C 39 17.95 8.82 -21.50
N HIS C 40 17.54 9.10 -20.32
CA HIS C 40 17.59 10.47 -19.83
C HIS C 40 19.02 10.84 -19.36
N CYS C 41 19.90 9.85 -19.42
CA CYS C 41 21.38 10.11 -19.31
C CYS C 41 22.09 10.47 -20.64
N TYR C 42 21.38 10.63 -21.79
CA TYR C 42 22.07 10.72 -23.04
C TYR C 42 23.00 11.99 -23.15
N LYS C 43 24.18 11.84 -23.69
CA LYS C 43 25.09 12.97 -23.98
C LYS C 43 25.93 12.70 -25.16
N SER C 44 26.31 13.81 -25.81
CA SER C 44 27.51 13.84 -26.60
C SER C 44 28.59 14.25 -25.57
N GLY C 45 29.73 13.64 -25.76
CA GLY C 45 30.82 13.78 -24.88
C GLY C 45 30.58 12.79 -23.78
N ILE C 46 30.61 11.50 -24.07
CA ILE C 46 30.72 10.48 -22.97
C ILE C 46 32.00 9.68 -23.03
N GLN C 47 32.60 9.58 -21.87
CA GLN C 47 33.62 8.64 -21.59
C GLN C 47 33.18 7.59 -20.59
N VAL C 48 33.27 6.30 -20.96
CA VAL C 48 32.94 5.25 -20.08
C VAL C 48 34.07 4.80 -19.20
N ARG C 49 33.82 4.76 -17.90
CA ARG C 49 34.81 4.38 -16.89
C ARG C 49 34.44 3.10 -16.19
N LEU C 50 35.23 2.08 -16.54
CA LEU C 50 35.14 0.73 -16.03
C LEU C 50 36.30 0.48 -15.08
N GLY C 51 35.62 -0.65 -13.91
CA GLY C 51 36.81 -0.99 -13.12
C GLY C 51 37.01 0.02 -12.01
N GLU C 52 36.08 0.98 -11.88
CA GLU C 52 36.15 1.98 -10.84
C GLU C 52 35.67 1.46 -9.49
N ASP C 53 36.31 1.99 -8.44
CA ASP C 53 35.76 2.01 -7.10
C ASP C 53 35.75 3.46 -6.62
N ASN C 54 36.96 4.06 -6.48
CA ASN C 54 37.09 5.50 -6.24
C ASN C 54 37.16 6.13 -7.59
N ILE C 55 36.00 6.81 -7.87
CA ILE C 55 35.79 7.62 -9.08
C ILE C 55 36.43 8.96 -8.87
N ASN C 56 36.97 9.27 -7.68
CA ASN C 56 37.56 10.60 -7.45
C ASN C 56 39.11 10.59 -7.53
N VAL C 57 39.71 9.48 -7.97
CA VAL C 57 41.17 9.35 -8.15
C VAL C 57 41.56 8.32 -9.21
N VAL C 58 42.54 8.66 -10.05
CA VAL C 58 42.92 7.78 -11.13
C VAL C 58 44.05 6.89 -10.66
N GLU C 59 43.69 5.68 -10.30
CA GLU C 59 44.61 4.70 -9.78
C GLU C 59 45.67 4.26 -10.85
N GLY C 60 45.28 4.34 -12.12
CA GLY C 60 45.84 3.47 -13.13
C GLY C 60 45.18 2.12 -12.86
N ASN C 61 44.72 1.45 -13.91
CA ASN C 61 44.14 0.12 -13.89
C ASN C 61 42.75 0.22 -14.58
N GLU C 62 41.94 1.17 -14.12
CA GLU C 62 40.62 1.40 -14.65
C GLU C 62 40.74 1.34 -16.15
N GLN C 63 39.64 1.15 -16.84
CA GLN C 63 39.66 1.32 -18.25
C GLN C 63 38.72 2.49 -18.59
N PHE C 64 39.28 3.53 -19.25
CA PHE C 64 38.53 4.69 -19.77
C PHE C 64 38.39 4.69 -21.28
N ILE C 65 37.20 4.46 -21.78
CA ILE C 65 37.02 4.39 -23.24
C ILE C 65 35.89 5.23 -23.69
N SER C 66 36.11 5.98 -24.77
CA SER C 66 35.13 6.90 -25.32
C SER C 66 33.95 6.13 -25.90
N ALA C 67 32.74 6.67 -25.73
CA ALA C 67 31.57 6.10 -26.38
C ALA C 67 31.60 6.57 -27.87
N SER C 68 31.40 5.66 -28.82
CA SER C 68 31.32 6.01 -30.25
C SER C 68 29.89 6.29 -30.71
N LYS C 69 28.96 5.69 -29.98
CA LYS C 69 27.58 5.71 -30.35
C LYS C 69 26.79 5.75 -29.09
N SER C 70 25.85 6.65 -28.95
CA SER C 70 24.86 6.46 -27.91
C SER C 70 23.48 6.50 -28.54
N ILE C 71 22.76 5.37 -28.42
CA ILE C 71 21.48 5.18 -29.13
C ILE C 71 20.43 5.01 -28.08
N VAL C 72 19.58 6.02 -28.00
CA VAL C 72 18.50 6.10 -27.10
C VAL C 72 17.49 5.27 -27.92
N HIS C 73 16.56 4.69 -27.23
CA HIS C 73 15.69 3.74 -27.90
C HIS C 73 14.80 4.56 -28.81
N PRO C 74 14.68 4.18 -30.10
CA PRO C 74 13.97 5.03 -31.09
C PRO C 74 12.57 5.48 -30.68
N SER C 75 11.93 4.78 -29.75
CA SER C 75 10.61 5.17 -29.28
C SER C 75 10.68 5.86 -27.94
N TYR C 76 11.83 6.40 -27.63
CA TYR C 76 11.98 7.08 -26.36
C TYR C 76 11.27 8.43 -26.43
N ASN C 77 10.62 8.75 -25.30
CA ASN C 77 9.86 9.94 -25.13
C ASN C 77 10.08 10.38 -23.71
N SER C 78 10.71 11.55 -23.54
CA SER C 78 10.72 12.14 -22.19
C SER C 78 9.41 12.76 -21.88
N ASN C 79 9.20 13.06 -20.59
CA ASN C 79 7.91 13.56 -20.08
C ASN C 79 6.96 12.40 -19.83
N THR C 80 6.88 11.44 -20.75
CA THR C 80 6.49 10.08 -20.36
C THR C 80 7.64 9.27 -19.79
N LEU C 81 8.87 9.53 -20.28
CA LEU C 81 9.89 8.48 -20.16
C LEU C 81 9.18 7.15 -20.39
N ASN C 82 9.24 6.71 -21.61
CA ASN C 82 8.89 5.36 -21.82
C ASN C 82 9.99 5.02 -22.70
N ASN C 83 10.39 3.77 -22.59
CA ASN C 83 11.44 3.23 -23.34
C ASN C 83 12.72 4.01 -22.94
N ASP C 84 12.87 4.30 -21.65
CA ASP C 84 14.11 4.98 -21.09
C ASP C 84 15.28 4.00 -20.96
N ILE C 85 15.93 3.79 -22.08
CA ILE C 85 17.05 2.91 -22.14
C ILE C 85 17.84 3.36 -23.30
N MET C 86 19.15 3.31 -23.10
CA MET C 86 20.08 3.70 -24.10
C MET C 86 21.18 2.68 -24.19
N LEU C 87 21.69 2.47 -25.38
CA LEU C 87 22.86 1.71 -25.64
C LEU C 87 24.02 2.61 -26.04
N ILE C 88 25.12 2.43 -25.34
CA ILE C 88 26.38 3.02 -25.62
C ILE C 88 27.32 1.97 -26.17
N LYS C 89 27.89 2.23 -27.32
CA LYS C 89 28.99 1.43 -27.87
C LYS C 89 30.31 2.11 -27.50
N LEU C 90 31.30 1.30 -27.13
CA LEU C 90 32.66 1.75 -26.85
C LEU C 90 33.46 1.85 -28.17
N LYS C 91 34.50 2.67 -28.16
CA LYS C 91 35.36 2.84 -29.34
C LYS C 91 36.19 1.59 -29.51
N SER C 92 36.52 0.96 -28.40
CA SER C 92 37.31 -0.25 -28.41
C SER C 92 36.76 -1.13 -27.32
N ALA C 93 37.06 -2.44 -27.35
CA ALA C 93 36.53 -3.36 -26.32
C ALA C 93 37.21 -3.26 -24.98
N ALA C 94 36.43 -3.29 -23.89
CA ALA C 94 36.93 -3.50 -22.55
C ALA C 94 37.64 -4.86 -22.42
N SER C 95 38.78 -4.87 -21.75
CA SER C 95 39.51 -6.10 -21.56
C SER C 95 38.85 -6.66 -20.38
N LEU C 96 38.24 -7.84 -20.55
CA LEU C 96 37.46 -8.42 -19.48
C LEU C 96 38.36 -9.17 -18.51
N ASN C 97 37.99 -9.12 -17.21
CA ASN C 97 38.84 -9.61 -16.12
C ASN C 97 38.09 -9.60 -14.75
N SER C 98 38.70 -9.98 -13.63
CA SER C 98 37.89 -10.13 -12.38
C SER C 98 37.19 -8.84 -11.90
N ARG C 99 37.73 -7.70 -12.30
CA ARG C 99 37.31 -6.38 -11.84
C ARG C 99 36.42 -5.64 -12.84
N VAL C 100 36.50 -6.07 -14.11
CA VAL C 100 35.66 -5.65 -15.22
C VAL C 100 34.97 -6.92 -15.79
N ALA C 101 33.67 -7.00 -15.70
CA ALA C 101 32.95 -8.23 -16.06
C ALA C 101 31.54 -7.81 -16.48
N SER C 102 31.05 -8.42 -17.55
CA SER C 102 29.71 -8.14 -18.05
C SER C 102 28.62 -8.79 -17.19
N ILE C 103 27.38 -8.32 -17.35
CA ILE C 103 26.24 -8.87 -16.62
C ILE C 103 25.28 -9.42 -17.68
N SER C 104 24.75 -10.62 -17.43
CA SER C 104 23.91 -11.28 -18.45
C SER C 104 22.57 -10.55 -18.60
N LEU C 105 22.08 -10.53 -19.83
CA LEU C 105 20.73 -10.09 -20.14
C LEU C 105 19.68 -11.12 -19.71
N PRO C 106 18.45 -10.70 -19.41
CA PRO C 106 17.38 -11.61 -18.92
C PRO C 106 16.99 -12.54 -20.00
N THR C 107 16.61 -13.78 -19.65
CA THR C 107 16.18 -14.79 -20.63
C THR C 107 14.65 -14.74 -20.80
N SER C 108 13.97 -14.41 -19.28
CA SER C 108 12.59 -14.30 -18.79
C SER C 108 12.54 -13.04 -18.01
N CYS C 109 11.32 -12.55 -17.83
CA CYS C 109 11.09 -11.40 -16.97
C CYS C 109 11.11 -11.90 -15.55
N ALA C 110 11.09 -10.99 -14.60
CA ALA C 110 11.20 -11.35 -13.20
C ALA C 110 9.92 -11.00 -12.53
N SER C 111 9.53 -11.83 -11.56
CA SER C 111 8.31 -11.62 -10.81
C SER C 111 8.51 -10.44 -9.85
N ALA C 112 6.32 -10.11 -9.31
CA ALA C 112 6.30 -9.34 -8.07
C ALA C 112 6.98 -10.13 -6.93
N GLY C 113 7.86 -9.47 -6.18
CA GLY C 113 8.42 -9.99 -4.95
C GLY C 113 9.80 -10.63 -5.02
N THR C 114 10.44 -10.63 -6.18
CA THR C 114 11.79 -11.18 -6.28
C THR C 114 12.85 -10.11 -5.96
N GLN C 115 13.98 -10.56 -5.43
CA GLN C 115 14.97 -9.68 -4.83
C GLN C 115 15.98 -9.24 -5.86
N CYS C 116 16.49 -8.00 -5.72
CA CYS C 116 17.52 -7.50 -6.65
C CYS C 116 18.57 -6.65 -6.01
N LEU C 117 19.74 -6.61 -6.67
CA LEU C 117 20.86 -5.77 -6.27
C LEU C 117 20.93 -4.52 -7.18
N ILE C 118 20.88 -3.35 -6.52
CA ILE C 118 20.89 -2.03 -7.16
C ILE C 118 22.08 -1.24 -6.57
N SER C 119 22.93 -0.62 -7.41
CA SER C 119 24.13 0.05 -6.93
C SER C 119 24.49 1.31 -7.74
N GLY C 120 25.45 2.06 -7.22
CA GLY C 120 25.99 3.23 -7.91
C GLY C 120 26.57 4.25 -6.96
N TRP C 121 27.01 5.37 -7.51
CA TRP C 121 27.66 6.43 -6.79
C TRP C 121 26.71 7.60 -6.46
N GLY C 122 25.42 7.32 -6.35
CA GLY C 122 24.45 8.38 -6.26
C GLY C 122 24.32 8.93 -4.87
N ASN C 123 23.39 9.88 -4.73
CA ASN C 123 23.16 10.55 -3.45
C ASN C 123 22.96 9.50 -2.36
N THR C 124 23.03 9.92 -1.12
CA THR C 124 22.69 9.01 -0.02
C THR C 124 21.70 9.58 0.93
N LYS C 125 21.02 10.61 0.48
CA LYS C 125 20.19 11.42 1.32
C LYS C 125 18.79 11.60 0.67
N SER C 126 17.77 11.43 1.52
CA SER C 126 16.37 11.60 1.17
C SER C 126 16.02 13.08 1.23
N SER C 127 16.84 13.80 2.01
CA SER C 127 16.70 15.23 2.19
C SER C 127 18.10 15.85 2.12
N GLY C 128 18.24 16.81 1.19
CA GLY C 128 19.53 17.38 0.85
C GLY C 128 20.37 16.47 -0.07
N THR C 129 21.69 16.61 -0.01
CA THR C 129 22.59 16.05 -1.01
C THR C 129 23.93 15.62 -0.46
N SER C 130 24.22 14.31 -0.60
CA SER C 130 25.55 13.74 -0.35
C SER C 130 25.97 12.56 -1.28
N TYR C 131 27.06 12.76 -2.05
CA TYR C 131 27.56 11.78 -3.05
C TYR C 131 28.85 11.12 -2.51
N PRO C 132 28.96 9.79 -2.54
CA PRO C 132 30.20 9.07 -2.08
C PRO C 132 31.43 8.97 -3.00
N ASP C 133 32.58 8.70 -2.37
CA ASP C 133 33.79 8.37 -3.13
C ASP C 133 33.65 6.95 -3.69
N VAL C 134 32.99 6.10 -2.90
CA VAL C 134 32.92 4.66 -3.17
C VAL C 134 31.54 4.14 -3.56
N LEU C 135 31.53 3.04 -4.31
CA LEU C 135 30.28 2.45 -4.79
C LEU C 135 29.36 1.95 -3.64
N LYS C 136 28.05 2.16 -3.75
CA LYS C 136 27.04 1.71 -2.75
C LYS C 136 25.97 0.74 -3.34
N CYS C 137 25.38 -0.11 -2.48
CA CYS C 137 24.40 -1.17 -2.88
C CYS C 137 23.10 -1.15 -2.08
N LEU C 138 22.08 -1.85 -2.59
CA LEU C 138 20.78 -1.93 -1.93
C LEU C 138 20.06 -3.19 -2.37
N LYS C 139 19.63 -4.00 -1.40
CA LYS C 139 18.76 -5.14 -1.71
C LYS C 139 17.30 -4.67 -1.66
N ALA C 140 16.53 -5.04 -2.68
CA ALA C 140 15.23 -4.44 -2.91
C ALA C 140 14.30 -5.31 -3.79
N PRO C 141 13.05 -5.51 -3.38
CA PRO C 141 12.20 -6.41 -4.13
C PRO C 141 11.38 -5.66 -5.15
N ILE C 142 11.00 -6.41 -6.20
CA ILE C 142 10.08 -5.92 -7.17
C ILE C 142 8.75 -5.70 -6.47
N LEU C 143 8.03 -4.69 -6.96
CA LEU C 143 6.71 -4.24 -6.53
C LEU C 143 5.68 -4.89 -7.45
N SER C 144 4.45 -5.10 -6.98
CA SER C 144 3.39 -5.56 -7.87
C SER C 144 3.03 -4.43 -8.82
N THR C 145 2.59 -4.79 -10.00
CA THR C 145 2.21 -3.75 -10.95
C THR C 145 1.00 -2.94 -10.48
N SER C 146 0.07 -3.58 -9.78
CA SER C 146 -1.02 -2.86 -9.11
C SER C 146 -0.43 -1.85 -8.14
N SER C 147 0.50 -2.29 -7.31
CA SER C 147 1.13 -1.41 -6.31
C SER C 147 1.93 -0.29 -7.00
N CYS C 148 2.48 -0.58 -8.18
CA CYS C 148 3.21 0.42 -8.97
C CYS C 148 2.27 1.48 -9.59
N LYS C 149 1.17 1.03 -10.18
CA LYS C 149 0.21 1.96 -10.80
C LYS C 149 -0.57 2.78 -9.75
N SER C 150 -0.76 2.25 -8.54
CA SER C 150 -1.51 2.99 -7.49
C SER C 150 -0.61 4.10 -6.92
N ALA C 151 0.69 3.78 -6.91
CA ALA C 151 1.79 4.69 -6.57
C ALA C 151 1.96 5.84 -7.58
N TYR C 152 1.73 5.58 -8.87
CA TYR C 152 2.03 6.57 -9.89
C TYR C 152 0.98 6.54 -10.98
N PRO C 153 -0.23 6.94 -10.63
CA PRO C 153 -1.36 6.72 -11.51
C PRO C 153 -1.10 7.44 -12.83
N GLY C 154 -1.45 6.81 -13.96
CA GLY C 154 -1.30 7.40 -15.28
C GLY C 154 0.13 7.61 -15.78
N GLN C 155 1.11 7.00 -15.08
CA GLN C 155 2.52 7.24 -15.43
C GLN C 155 3.39 6.00 -15.71
N ILE C 156 2.90 4.80 -15.37
CA ILE C 156 3.69 3.56 -15.49
C ILE C 156 3.10 2.81 -16.65
N THR C 157 3.82 2.54 -17.72
CA THR C 157 3.18 1.55 -18.58
C THR C 157 4.00 0.28 -18.44
N SER C 158 4.08 -0.49 -19.51
CA SER C 158 4.39 -1.90 -19.41
C SER C 158 5.89 -2.06 -19.35
N ASN C 159 6.58 -0.99 -19.79
CA ASN C 159 8.02 -1.01 -19.89
C ASN C 159 8.74 -0.53 -18.64
N MET C 160 8.00 -0.42 -17.54
CA MET C 160 8.57 -0.03 -16.26
C MET C 160 8.14 -0.94 -15.14
N PHE C 161 9.01 -1.14 -14.15
CA PHE C 161 8.61 -1.66 -12.84
C PHE C 161 9.01 -0.74 -11.71
N CYS C 162 8.29 -0.89 -10.60
CA CYS C 162 8.71 -0.25 -9.38
C CYS C 162 9.41 -1.27 -8.62
N ALA C 163 10.04 -0.83 -7.55
CA ALA C 163 10.78 -1.69 -6.62
C ALA C 163 11.31 -0.83 -5.47
N GLY C 164 11.48 -1.46 -4.32
CA GLY C 164 11.81 -0.76 -3.10
C GLY C 164 10.78 -1.06 -2.02
N TYR C 165 10.50 -0.04 -1.23
CA TYR C 165 9.79 -0.21 0.03
C TYR C 165 8.87 0.99 0.15
N LEU C 166 7.56 0.71 0.23
CA LEU C 166 6.57 1.76 0.34
C LEU C 166 6.73 2.46 1.67
N GLU C 167 7.31 1.75 2.65
CA GLU C 167 7.65 2.32 3.97
C GLU C 167 8.41 3.65 3.91
N GLY C 168 9.34 3.76 2.95
CA GLY C 168 10.34 4.82 2.99
C GLY C 168 11.64 4.22 3.52
N GLY C 169 12.73 4.98 3.41
CA GLY C 169 14.03 4.55 3.97
C GLY C 169 15.05 4.03 2.97
N LYS C 170 14.58 3.57 1.80
CA LYS C 170 15.41 2.79 0.88
C LYS C 170 15.02 2.97 -0.60
N ASP C 171 15.99 3.40 -1.46
CA ASP C 171 15.71 3.73 -2.86
C ASP C 171 17.06 4.02 -3.56
N SER C 172 16.97 4.09 -4.88
CA SER C 172 18.01 4.65 -5.74
C SER C 172 17.77 6.14 -5.65
N CYS C 173 18.52 6.95 -6.38
CA CYS C 173 18.81 8.28 -5.93
C CYS C 173 19.71 9.03 -6.93
N GLN C 174 19.75 10.35 -6.86
CA GLN C 174 20.34 11.14 -7.94
C GLN C 174 21.83 10.86 -8.05
N GLY C 175 22.33 10.56 -9.25
CA GLY C 175 23.66 9.97 -9.34
C GLY C 175 23.75 8.50 -9.65
N ASP C 176 22.71 7.74 -9.30
CA ASP C 176 22.58 6.31 -9.67
C ASP C 176 21.89 5.96 -10.99
N SER C 177 21.18 6.91 -11.64
CA SER C 177 20.52 6.66 -12.95
C SER C 177 21.41 5.93 -13.91
N GLY C 178 20.80 5.00 -14.60
CA GLY C 178 21.39 4.18 -15.63
C GLY C 178 22.08 2.92 -15.12
N GLY C 179 22.33 2.87 -13.86
CA GLY C 179 22.98 1.76 -13.18
C GLY C 179 22.09 0.51 -13.15
N PRO C 180 22.66 -0.58 -12.71
CA PRO C 180 22.03 -1.91 -12.78
C PRO C 180 21.08 -2.23 -11.63
N VAL C 181 20.06 -3.02 -11.98
CA VAL C 181 19.18 -3.69 -11.02
C VAL C 181 19.35 -5.13 -11.44
N VAL C 182 19.96 -5.91 -10.58
CA VAL C 182 20.35 -7.26 -10.96
C VAL C 182 19.57 -8.26 -10.07
N CYS C 183 18.86 -9.15 -10.74
CA CYS C 183 18.13 -10.21 -10.06
C CYS C 183 18.74 -11.54 -10.48
N SER C 184 19.38 -12.19 -9.51
CA SER C 184 20.02 -13.51 -9.67
C SER C 184 20.87 -13.64 -10.90
N GLY C 185 21.95 -12.87 -11.00
CA GLY C 185 22.83 -12.89 -12.16
C GLY C 185 22.27 -12.24 -13.42
N LYS C 186 21.11 -11.59 -13.34
CA LYS C 186 20.46 -11.12 -14.58
C LYS C 186 20.31 -9.63 -14.45
N LEU C 187 20.81 -8.86 -15.86
CA LEU C 187 20.31 -7.46 -15.66
C LEU C 187 18.80 -7.33 -16.02
N GLN C 188 18.01 -7.03 -15.05
CA GLN C 188 16.55 -6.92 -15.19
C GLN C 188 16.10 -5.49 -15.19
N GLY C 189 16.92 -4.56 -14.69
CA GLY C 189 16.40 -3.23 -14.53
C GLY C 189 17.48 -2.17 -14.68
N ILE C 190 17.01 -0.97 -15.02
CA ILE C 190 17.90 0.23 -15.10
C ILE C 190 17.35 1.24 -14.13
N VAL C 191 18.18 1.77 -13.18
CA VAL C 191 17.80 2.96 -12.43
C VAL C 191 17.17 4.12 -13.33
N SER C 192 15.92 4.56 -13.07
CA SER C 192 15.27 5.59 -13.91
C SER C 192 14.72 6.89 -13.24
N TRP C 193 13.56 6.76 -12.63
CA TRP C 193 12.94 7.91 -11.98
C TRP C 193 12.17 7.53 -10.76
N GLY C 194 11.59 8.60 -10.20
CA GLY C 194 10.67 8.49 -9.09
C GLY C 194 10.33 9.85 -8.50
N SER C 195 9.29 9.87 -7.66
CA SER C 195 8.96 11.08 -6.91
C SER C 195 9.89 11.19 -5.70
N GLY C 196 11.57 12.60 -5.62
CA GLY C 196 11.89 12.22 -4.26
C GLY C 196 12.63 10.89 -4.32
N CYS C 197 13.43 10.65 -3.30
CA CYS C 197 14.15 9.39 -3.11
C CYS C 197 13.85 8.87 -1.71
N ALA C 198 13.45 7.60 -1.61
CA ALA C 198 13.18 6.91 -0.34
C ALA C 198 11.95 7.47 0.44
N GLN C 199 10.90 7.83 -0.31
CA GLN C 199 9.74 8.45 0.29
C GLN C 199 8.63 7.44 0.50
N LYS C 200 7.98 7.49 1.67
CA LYS C 200 6.77 6.73 1.86
C LYS C 200 5.93 6.77 0.58
N ASN C 201 5.56 5.60 0.07
CA ASN C 201 4.55 5.44 -1.01
C ASN C 201 4.99 5.97 -2.36
N LYS C 202 6.29 6.20 -2.52
CA LYS C 202 6.84 6.76 -3.75
C LYS C 202 8.10 6.00 -4.20
N PRO C 203 7.92 4.72 -4.58
CA PRO C 203 9.03 3.78 -4.75
C PRO C 203 9.89 4.14 -5.93
N GLY C 204 11.00 3.45 -6.10
CA GLY C 204 11.82 3.67 -7.29
C GLY C 204 11.13 3.08 -8.51
N VAL C 205 11.29 3.74 -9.63
CA VAL C 205 10.86 3.22 -10.89
C VAL C 205 12.06 2.94 -11.90
N TYR C 206 12.02 1.73 -12.50
CA TYR C 206 13.16 1.12 -13.19
C TYR C 206 12.72 0.62 -14.51
N THR C 207 13.58 0.73 -15.50
CA THR C 207 13.25 0.21 -16.82
C THR C 207 13.30 -1.29 -16.87
N LYS C 208 12.30 -1.93 -17.50
CA LYS C 208 12.16 -3.42 -17.51
C LYS C 208 12.93 -3.95 -18.67
N VAL C 209 14.20 -4.29 -18.39
CA VAL C 209 15.18 -4.63 -19.41
C VAL C 209 14.72 -5.85 -20.22
N CYS C 210 14.03 -6.78 -19.61
CA CYS C 210 13.66 -8.02 -20.36
C CYS C 210 12.80 -7.69 -21.61
N ASN C 211 12.08 -6.58 -21.56
CA ASN C 211 11.33 -6.12 -22.71
C ASN C 211 12.15 -5.62 -23.92
N TYR C 212 13.46 -5.37 -23.75
CA TYR C 212 14.31 -4.73 -24.78
C TYR C 212 15.39 -5.59 -25.28
N VAL C 213 15.33 -6.87 -24.93
CA VAL C 213 16.37 -7.76 -25.34
C VAL C 213 16.42 -7.84 -26.86
N SER C 214 15.27 -7.86 -27.55
CA SER C 214 15.32 -7.96 -29.04
C SER C 214 15.89 -6.71 -29.67
N TRP C 215 15.41 -5.59 -29.21
CA TRP C 215 15.99 -4.30 -29.63
C TRP C 215 17.49 -4.22 -29.33
N ILE C 216 17.89 -4.62 -28.16
CA ILE C 216 19.33 -4.62 -27.82
C ILE C 216 20.13 -5.50 -28.75
N LYS C 217 19.68 -6.75 -28.91
CA LYS C 217 20.33 -7.69 -29.81
C LYS C 217 20.42 -7.11 -31.23
N GLN C 218 19.37 -6.45 -31.73
CA GLN C 218 19.38 -6.00 -33.13
C GLN C 218 20.27 -4.79 -33.27
N THR C 219 20.40 -4.02 -32.18
CA THR C 219 21.25 -2.85 -32.14
C THR C 219 22.71 -3.24 -32.21
N ILE C 220 23.12 -4.21 -31.41
CA ILE C 220 24.50 -4.73 -31.41
C ILE C 220 25.03 -5.26 -32.78
N ALA C 221 24.26 -6.15 -33.41
CA ALA C 221 24.75 -6.80 -34.64
C ALA C 221 24.70 -5.91 -35.89
N SER C 222 23.92 -4.82 -35.90
CA SER C 222 23.91 -3.88 -37.04
C SER C 222 24.62 -2.52 -36.83
N ASN C 223 24.37 -1.90 -35.67
CA ASN C 223 24.94 -0.57 -35.37
C ASN C 223 26.44 -0.65 -35.24
N PRO D 1 1.25 40.12 -17.84
CA PRO D 1 2.39 40.20 -18.90
C PRO D 1 2.96 38.87 -19.35
N THR D 2 3.17 38.79 -20.67
CA THR D 2 3.52 37.54 -21.29
C THR D 2 4.99 37.58 -21.74
N GLY D 3 5.56 36.40 -22.00
CA GLY D 3 7.00 36.19 -22.13
C GLY D 3 7.82 36.86 -21.03
N ASN D 4 7.29 36.70 -19.82
CA ASN D 4 7.81 37.36 -18.65
C ASN D 4 8.98 36.59 -18.08
N ASN D 5 10.17 37.18 -18.23
CA ASN D 5 11.44 36.54 -17.84
C ASN D 5 11.35 36.18 -16.34
N ALA D 6 10.73 37.04 -15.59
CA ALA D 6 10.57 36.80 -14.12
C ALA D 6 9.85 35.53 -13.79
N GLU D 7 8.95 35.10 -14.64
CA GLU D 7 8.21 33.90 -14.36
C GLU D 7 8.96 32.56 -14.49
N ILE D 8 10.06 32.63 -15.21
CA ILE D 8 11.08 31.58 -15.28
C ILE D 8 12.19 31.80 -14.28
N CYS D 9 12.77 32.97 -14.28
CA CYS D 9 14.04 33.18 -13.61
C CYS D 9 13.92 33.19 -12.06
N LEU D 10 12.73 33.53 -11.55
CA LEU D 10 12.52 33.54 -10.13
C LEU D 10 12.00 32.25 -9.54
N LEU D 11 11.88 31.23 -10.35
CA LEU D 11 11.52 29.93 -9.83
C LEU D 11 12.66 29.33 -9.00
N PRO D 12 12.34 28.56 -7.96
CA PRO D 12 13.40 27.78 -7.24
C PRO D 12 13.97 26.70 -8.08
N LEU D 13 15.22 26.24 -7.86
CA LEU D 13 15.71 25.15 -8.70
C LEU D 13 14.98 23.88 -8.37
N ASP D 14 14.88 22.99 -9.34
CA ASP D 14 14.14 21.78 -9.20
C ASP D 14 14.88 20.66 -9.91
N TYR D 15 15.43 19.70 -9.15
CA TYR D 15 16.15 18.53 -9.71
C TYR D 15 15.28 17.61 -10.46
N GLY D 16 14.00 17.52 -10.05
CA GLY D 16 13.08 16.65 -10.76
C GLY D 16 13.19 15.23 -10.27
N PRO D 17 12.40 14.32 -10.86
CA PRO D 17 12.31 12.95 -10.35
C PRO D 17 13.40 11.97 -10.89
N CYS D 18 13.89 12.19 -12.09
CA CYS D 18 15.00 11.32 -12.60
C CYS D 18 16.29 11.38 -11.76
N ARG D 19 17.18 10.35 -11.88
CA ARG D 19 18.19 10.08 -10.93
C ARG D 19 19.64 10.27 -11.49
N ALA D 20 19.74 11.18 -12.42
CA ALA D 20 21.07 11.61 -12.92
C ALA D 20 21.62 12.83 -12.23
N LEU D 21 22.83 13.24 -12.61
CA LEU D 21 23.48 14.44 -12.10
C LEU D 21 24.04 15.19 -13.30
N LEU D 22 23.16 15.91 -13.95
CA LEU D 22 23.45 16.65 -15.14
C LEU D 22 23.72 18.14 -14.91
N LEU D 23 24.88 18.60 -15.34
CA LEU D 23 25.26 19.97 -15.08
C LEU D 23 24.39 20.95 -15.83
N ARG D 24 23.63 21.77 -15.10
CA ARG D 24 22.79 22.77 -15.73
C ARG D 24 22.97 24.12 -15.00
N TYR D 25 22.35 25.17 -15.52
CA TYR D 25 22.43 26.54 -15.05
C TYR D 25 21.02 27.09 -14.69
N TYR D 26 20.98 27.84 -13.60
CA TYR D 26 19.71 28.45 -13.14
C TYR D 26 20.00 29.84 -12.70
N TYR D 27 19.01 30.72 -12.81
CA TYR D 27 19.15 32.04 -12.19
C TYR D 27 18.84 31.99 -10.71
N ASP D 28 19.77 32.46 -9.95
CA ASP D 28 19.67 32.63 -8.51
C ASP D 28 19.34 34.07 -8.17
N ARG D 29 18.15 34.29 -7.69
CA ARG D 29 17.66 35.63 -7.46
C ARG D 29 18.36 36.41 -6.33
N TYR D 30 18.94 35.67 -5.41
CA TYR D 30 19.61 36.31 -4.24
C TYR D 30 21.02 36.80 -4.53
N THR D 31 21.65 36.19 -5.55
CA THR D 31 22.94 36.65 -6.08
C THR D 31 22.84 37.46 -7.37
N GLN D 32 21.65 37.56 -7.92
CA GLN D 32 21.40 38.05 -9.29
C GLN D 32 22.43 37.55 -10.30
N SER D 33 22.67 36.24 -10.29
CA SER D 33 23.66 35.62 -11.18
C SER D 33 23.17 34.27 -11.61
N CYS D 34 23.72 33.82 -12.72
CA CYS D 34 23.48 32.50 -13.18
C CYS D 34 24.47 31.52 -12.52
N ARG D 35 23.95 30.51 -11.84
CA ARG D 35 24.75 29.49 -11.08
C ARG D 35 24.53 28.08 -11.63
N GLN D 36 25.45 27.20 -11.26
CA GLN D 36 25.41 25.80 -11.68
C GLN D 36 24.57 24.98 -10.73
N PHE D 37 23.88 23.96 -11.27
CA PHE D 37 23.27 22.91 -10.51
C PHE D 37 23.28 21.55 -11.16
N LEU D 38 22.99 20.52 -10.41
CA LEU D 38 22.94 19.19 -11.01
C LEU D 38 21.48 18.73 -11.17
N TYR D 39 21.05 18.65 -12.42
CA TYR D 39 19.68 18.29 -12.75
C TYR D 39 19.52 16.73 -12.78
N GLY D 40 18.38 16.25 -12.29
CA GLY D 40 18.02 14.83 -12.43
C GLY D 40 17.84 14.26 -13.79
N GLY D 41 17.42 15.05 -14.76
CA GLY D 41 17.27 14.61 -16.13
C GLY D 41 15.86 14.71 -16.72
N CYS D 42 14.87 14.92 -15.86
CA CYS D 42 13.51 15.11 -16.38
C CYS D 42 12.70 16.08 -15.57
N GLU D 43 11.66 16.64 -16.19
CA GLU D 43 10.65 17.39 -15.47
C GLU D 43 11.42 18.59 -14.90
N GLY D 44 11.25 18.90 -13.63
CA GLY D 44 11.69 20.15 -13.05
C GLY D 44 10.89 21.34 -13.58
N ASN D 45 11.55 22.45 -13.76
CA ASN D 45 10.89 23.70 -14.19
C ASN D 45 11.77 24.45 -15.18
N ALA D 46 11.32 25.63 -15.61
CA ALA D 46 11.91 26.33 -16.72
C ALA D 46 13.24 27.04 -16.33
N ASN D 47 13.52 27.14 -15.04
CA ASN D 47 14.70 27.81 -14.55
C ASN D 47 15.89 26.80 -14.62
N ASN D 48 16.21 26.43 -15.84
CA ASN D 48 17.03 25.28 -16.13
C ASN D 48 17.54 25.45 -17.53
N PHE D 49 18.83 25.69 -17.66
CA PHE D 49 19.48 26.13 -18.89
C PHE D 49 20.78 25.30 -19.14
N TYR D 50 21.08 25.13 -20.45
CA TYR D 50 22.22 24.26 -20.85
C TYR D 50 23.60 24.90 -20.60
N THR D 51 23.64 26.20 -20.69
CA THR D 51 24.87 27.00 -20.58
C THR D 51 24.62 28.24 -19.77
N TRP D 52 25.72 28.77 -19.26
CA TRP D 52 25.67 30.04 -18.60
C TRP D 52 25.13 31.14 -19.52
N GLU D 53 25.63 31.16 -20.75
CA GLU D 53 25.24 32.14 -21.72
C GLU D 53 23.72 32.13 -21.91
N ALA D 54 23.16 30.97 -21.96
CA ALA D 54 21.75 30.86 -22.20
C ALA D 54 20.98 31.48 -21.05
N CYS D 55 21.38 31.14 -19.83
CA CYS D 55 20.74 31.68 -18.64
C CYS D 55 20.91 33.21 -18.61
N ASP D 56 22.12 33.71 -18.85
CA ASP D 56 22.40 35.15 -18.86
C ASP D 56 21.52 35.91 -19.84
N ASP D 57 21.34 35.34 -21.01
CA ASP D 57 20.51 35.93 -22.07
C ASP D 57 19.00 35.91 -21.70
N ALA D 58 18.53 34.78 -21.19
CA ALA D 58 17.14 34.60 -20.84
C ALA D 58 16.72 35.45 -19.65
N CYS D 59 17.66 35.70 -18.76
CA CYS D 59 17.39 36.34 -17.49
C CYS D 59 17.98 37.75 -17.46
N TRP D 60 18.20 38.34 -18.62
CA TRP D 60 18.95 39.61 -18.75
C TRP D 60 18.28 40.81 -18.15
N ARG D 61 16.94 40.76 -18.01
CA ARG D 61 16.16 41.82 -17.42
C ARG D 61 14.95 41.22 -16.75
N ILE D 62 14.76 41.53 -15.46
CA ILE D 62 13.69 40.95 -14.68
C ILE D 62 12.85 42.09 -14.11
N GLU D 63 11.55 42.05 -14.43
CA GLU D 63 10.54 43.02 -14.00
C GLU D 63 9.67 42.34 -12.95
CA CA E . -11.98 -23.61 19.81
CA CA F . 39.39 5.53 -9.91
#